data_4NKG
#
_entry.id   4NKG
#
_cell.length_a   167.623
_cell.length_b   167.623
_cell.length_c   89.143
_cell.angle_alpha   90.00
_cell.angle_beta   90.00
_cell.angle_gamma   120.00
#
_symmetry.space_group_name_H-M   'P 32 2 1'
#
loop_
_entity.id
_entity.type
_entity.pdbx_description
1 polymer 'E3 ubiquitin-protein ligase sspH1'
2 polymer 'Serine/threonine-protein kinase N1'
3 non-polymer HEXANE-1,6-DIOL
4 water water
#
loop_
_entity_poly.entity_id
_entity_poly.type
_entity_poly.pdbx_seq_one_letter_code
_entity_poly.pdbx_strand_id
1 'polypeptide(L)'
;GAEYDAVWSKWERDAPAGESPGRAAVVQEMRDCLNNGNPVLNVGASGLTTLPDRLPPHITTLVIPDNNLTSLPELPEGLR
ELEVSGNLQLTSLPSLPQGLQKLWAYNNWLASLPTLPPGLGDLAVSNNQLTSLPEMPPALRELRVSGNNLTSLPALPSGL
QKLWAYNNRLTSLPEMSPGLQELDVSHNQLTRLPQSLTGLSSAARVYLDGNPLSVRTLQALRDIIGHSGIRIHFDMAGPS
VPREAR
;
A,C
2 'polypeptide(L)'
;GAMDATNLSRVAGLEKQLAIELKVKQGAENMIQTYSNGSTKDRKLLLTAQQMLQDSKTKIDIIRMQLRRALQAGQLENQA
AP
;
B,D
#
loop_
_chem_comp.id
_chem_comp.type
_chem_comp.name
_chem_comp.formula
HEZ non-polymer HEXANE-1,6-DIOL 'C6 H14 O2'
#
# COMPACT_ATOMS: atom_id res chain seq x y z
N GLU A 3 -9.31 19.60 -20.66
CA GLU A 3 -8.05 18.86 -20.67
C GLU A 3 -8.28 17.36 -20.74
N TYR A 4 -8.63 16.75 -19.60
CA TYR A 4 -8.87 15.30 -19.55
C TYR A 4 -9.86 14.86 -20.61
N ASP A 5 -11.05 15.47 -20.61
CA ASP A 5 -12.09 15.11 -21.56
C ASP A 5 -11.68 15.46 -22.99
N ALA A 6 -10.87 16.51 -23.12
CA ALA A 6 -10.36 16.90 -24.44
C ALA A 6 -9.34 15.88 -24.94
N VAL A 7 -8.48 15.43 -24.03
CA VAL A 7 -7.47 14.43 -24.35
C VAL A 7 -8.13 13.11 -24.75
N TRP A 8 -9.18 12.74 -24.02
CA TRP A 8 -9.93 11.51 -24.27
C TRP A 8 -10.72 11.60 -25.57
N SER A 9 -11.30 12.76 -25.85
CA SER A 9 -12.03 12.99 -27.08
C SER A 9 -11.10 12.88 -28.28
N LYS A 10 -9.96 13.55 -28.18
CA LYS A 10 -8.92 13.46 -29.20
C LYS A 10 -8.53 11.99 -29.42
N TRP A 11 -8.29 11.29 -28.31
CA TRP A 11 -7.90 9.88 -28.37
C TRP A 11 -8.97 9.03 -29.07
N GLU A 12 -10.23 9.40 -28.89
CA GLU A 12 -11.32 8.67 -29.51
C GLU A 12 -11.38 8.94 -31.01
N ARG A 13 -11.28 10.22 -31.39
CA ARG A 13 -11.30 10.58 -32.80
C ARG A 13 -10.09 10.00 -33.53
N ASP A 14 -9.05 9.67 -32.76
CA ASP A 14 -7.82 9.09 -33.32
C ASP A 14 -7.90 7.58 -33.38
N ALA A 15 -9.05 7.02 -33.02
CA ALA A 15 -9.25 5.58 -33.14
C ALA A 15 -8.91 5.11 -34.55
N PRO A 16 -8.10 4.04 -34.65
CA PRO A 16 -7.84 3.36 -35.92
C PRO A 16 -9.11 2.69 -36.42
N ALA A 17 -9.13 2.31 -37.69
CA ALA A 17 -10.32 1.72 -38.29
C ALA A 17 -10.84 0.53 -37.49
N GLY A 18 -12.14 0.57 -37.18
CA GLY A 18 -12.80 -0.51 -36.47
C GLY A 18 -12.69 -0.41 -34.96
N GLU A 19 -11.84 0.48 -34.48
CA GLU A 19 -11.55 0.60 -33.05
C GLU A 19 -12.39 1.67 -32.36
N SER A 20 -13.29 2.31 -33.12
CA SER A 20 -14.07 3.43 -32.61
C SER A 20 -15.01 3.08 -31.45
N PRO A 21 -15.89 2.08 -31.63
CA PRO A 21 -16.84 1.73 -30.57
C PRO A 21 -16.15 1.38 -29.26
N GLY A 22 -15.09 0.58 -29.33
CA GLY A 22 -14.33 0.23 -28.15
C GLY A 22 -13.80 1.45 -27.41
N ARG A 23 -13.15 2.35 -28.16
CA ARG A 23 -12.61 3.57 -27.57
C ARG A 23 -13.71 4.45 -26.97
N ALA A 24 -14.88 4.46 -27.60
CA ALA A 24 -16.01 5.22 -27.08
C ALA A 24 -16.49 4.65 -25.74
N ALA A 25 -16.54 3.32 -25.68
CA ALA A 25 -16.90 2.63 -24.44
C ALA A 25 -15.90 2.98 -23.33
N VAL A 26 -14.61 2.83 -23.64
CA VAL A 26 -13.56 3.16 -22.70
C VAL A 26 -13.69 4.60 -22.19
N VAL A 27 -13.96 5.52 -23.11
CA VAL A 27 -14.16 6.91 -22.76
C VAL A 27 -15.34 7.08 -21.80
N GLN A 28 -16.43 6.34 -22.05
CA GLN A 28 -17.55 6.33 -21.12
C GLN A 28 -17.09 5.92 -19.72
N GLU A 29 -16.36 4.81 -19.66
CA GLU A 29 -15.80 4.34 -18.40
C GLU A 29 -15.01 5.43 -17.68
N MET A 30 -14.09 6.05 -18.40
CA MET A 30 -13.21 7.05 -17.83
C MET A 30 -13.97 8.28 -17.32
N ARG A 31 -14.94 8.73 -18.10
CA ARG A 31 -15.77 9.85 -17.68
C ARG A 31 -16.60 9.47 -16.44
N ASP A 32 -16.95 8.19 -16.33
CA ASP A 32 -17.63 7.70 -15.15
C ASP A 32 -16.72 7.82 -13.94
N CYS A 33 -15.49 7.36 -14.09
CA CYS A 33 -14.49 7.47 -13.02
C CYS A 33 -14.29 8.93 -12.60
N LEU A 34 -14.23 9.82 -13.59
CA LEU A 34 -13.94 11.22 -13.34
C LEU A 34 -15.09 11.97 -12.67
N ASN A 35 -16.27 11.90 -13.26
CA ASN A 35 -17.42 12.65 -12.78
C ASN A 35 -18.12 12.01 -11.58
N ASN A 36 -18.21 10.68 -11.59
CA ASN A 36 -18.89 9.95 -10.52
C ASN A 36 -17.96 9.40 -9.45
N GLY A 37 -16.65 9.62 -9.62
CA GLY A 37 -15.68 9.18 -8.64
C GLY A 37 -15.54 7.67 -8.54
N ASN A 38 -15.71 6.98 -9.66
CA ASN A 38 -15.51 5.53 -9.70
C ASN A 38 -14.04 5.19 -9.58
N PRO A 39 -13.67 4.47 -8.51
CA PRO A 39 -12.28 4.12 -8.20
C PRO A 39 -11.68 3.11 -9.18
N VAL A 40 -12.53 2.33 -9.83
CA VAL A 40 -12.04 1.27 -10.73
C VAL A 40 -12.26 1.60 -12.20
N LEU A 41 -11.20 1.46 -12.99
CA LEU A 41 -11.30 1.64 -14.44
C LEU A 41 -11.03 0.33 -15.17
N ASN A 42 -12.07 -0.24 -15.78
CA ASN A 42 -11.91 -1.46 -16.57
C ASN A 42 -12.21 -1.17 -18.03
N VAL A 43 -11.19 -1.32 -18.88
CA VAL A 43 -11.33 -0.97 -20.29
C VAL A 43 -11.92 -2.09 -21.13
N GLY A 44 -12.02 -3.28 -20.54
CA GLY A 44 -12.56 -4.43 -21.25
C GLY A 44 -11.66 -4.79 -22.42
N ALA A 45 -12.09 -5.73 -23.24
CA ALA A 45 -11.32 -6.02 -24.44
C ALA A 45 -12.01 -5.33 -25.61
N SER A 46 -11.45 -4.20 -26.01
CA SER A 46 -11.99 -3.41 -27.11
C SER A 46 -11.20 -3.60 -28.39
N GLY A 47 -10.16 -4.42 -28.33
CA GLY A 47 -9.21 -4.52 -29.43
C GLY A 47 -8.35 -3.27 -29.48
N LEU A 48 -8.15 -2.64 -28.33
CA LEU A 48 -7.43 -1.38 -28.24
C LEU A 48 -5.97 -1.52 -28.66
N THR A 49 -5.54 -0.66 -29.58
CA THR A 49 -4.14 -0.60 -29.96
C THR A 49 -3.38 0.46 -29.16
N THR A 50 -4.12 1.29 -28.43
CA THR A 50 -3.52 2.36 -27.65
C THR A 50 -4.44 2.82 -26.52
N LEU A 51 -3.84 3.42 -25.49
CA LEU A 51 -4.61 4.06 -24.42
C LEU A 51 -4.25 5.55 -24.38
N PRO A 52 -5.18 6.37 -23.87
CA PRO A 52 -4.97 7.83 -23.81
C PRO A 52 -3.72 8.20 -23.04
N ASP A 53 -3.12 9.35 -23.40
CA ASP A 53 -1.88 9.82 -22.77
C ASP A 53 -1.99 9.84 -21.25
N ARG A 54 -3.18 10.12 -20.75
CA ARG A 54 -3.41 10.25 -19.32
C ARG A 54 -4.72 9.59 -18.87
N LEU A 55 -4.63 8.78 -17.82
CA LEU A 55 -5.80 8.16 -17.21
C LEU A 55 -6.43 9.05 -16.14
N PRO A 56 -7.67 8.73 -15.73
CA PRO A 56 -8.30 9.42 -14.60
C PRO A 56 -7.37 9.40 -13.39
N PRO A 57 -7.17 10.55 -12.73
CA PRO A 57 -6.20 10.70 -11.64
C PRO A 57 -6.54 9.92 -10.38
N HIS A 58 -7.82 9.81 -10.05
CA HIS A 58 -8.24 9.33 -8.74
C HIS A 58 -8.60 7.84 -8.66
N ILE A 59 -8.42 7.10 -9.75
CA ILE A 59 -8.72 5.67 -9.74
C ILE A 59 -7.70 4.88 -8.92
N THR A 60 -8.20 4.01 -8.04
CA THR A 60 -7.35 3.11 -7.28
C THR A 60 -6.95 1.84 -8.03
N THR A 61 -7.87 1.30 -8.84
CA THR A 61 -7.63 0.05 -9.53
C THR A 61 -7.82 0.14 -11.05
N LEU A 62 -6.90 -0.46 -11.80
CA LEU A 62 -6.94 -0.44 -13.25
C LEU A 62 -6.89 -1.84 -13.86
N VAL A 63 -7.90 -2.18 -14.65
CA VAL A 63 -7.98 -3.49 -15.27
C VAL A 63 -7.96 -3.43 -16.80
N ILE A 64 -6.89 -3.98 -17.37
CA ILE A 64 -6.74 -4.07 -18.81
C ILE A 64 -6.73 -5.53 -19.27
N PRO A 65 -7.83 -5.97 -19.89
CA PRO A 65 -8.00 -7.31 -20.47
C PRO A 65 -7.30 -7.43 -21.83
N ASP A 66 -7.56 -8.53 -22.54
CA ASP A 66 -6.92 -8.79 -23.81
C ASP A 66 -7.10 -7.63 -24.79
N ASN A 67 -5.97 -7.14 -25.30
CA ASN A 67 -5.98 -6.03 -26.25
C ASN A 67 -4.73 -6.06 -27.12
N ASN A 68 -4.58 -5.04 -27.96
CA ASN A 68 -3.43 -4.90 -28.83
C ASN A 68 -2.32 -3.97 -28.34
N LEU A 69 -2.45 -3.48 -27.10
CA LEU A 69 -1.54 -2.48 -26.55
C LEU A 69 -0.06 -2.83 -26.69
N THR A 70 0.72 -1.91 -27.25
CA THR A 70 2.18 -2.05 -27.26
C THR A 70 2.83 -1.50 -26.00
N SER A 71 2.12 -0.59 -25.32
CA SER A 71 2.66 0.07 -24.13
C SER A 71 1.54 0.64 -23.27
N LEU A 72 1.87 1.01 -22.03
CA LEU A 72 0.89 1.62 -21.14
C LEU A 72 1.29 3.05 -20.82
N PRO A 73 0.28 3.93 -20.65
CA PRO A 73 0.54 5.33 -20.30
C PRO A 73 1.05 5.43 -18.87
N GLU A 74 1.65 6.56 -18.51
CA GLU A 74 2.06 6.77 -17.13
C GLU A 74 0.86 6.64 -16.21
N LEU A 75 1.04 5.90 -15.12
CA LEU A 75 -0.06 5.58 -14.22
C LEU A 75 -0.23 6.62 -13.11
N PRO A 76 -1.47 6.75 -12.60
CA PRO A 76 -1.80 7.67 -11.50
C PRO A 76 -1.07 7.29 -10.22
N GLU A 77 -0.62 8.30 -9.48
CA GLU A 77 0.16 8.09 -8.26
C GLU A 77 -0.59 7.29 -7.20
N GLY A 78 -1.92 7.38 -7.21
CA GLY A 78 -2.73 6.75 -6.18
C GLY A 78 -3.25 5.38 -6.56
N LEU A 79 -2.64 4.76 -7.58
CA LEU A 79 -3.13 3.48 -8.06
C LEU A 79 -2.68 2.35 -7.16
N ARG A 80 -3.63 1.66 -6.54
CA ARG A 80 -3.34 0.53 -5.66
C ARG A 80 -3.14 -0.79 -6.38
N GLU A 81 -3.99 -1.06 -7.37
CA GLU A 81 -3.99 -2.35 -8.06
C GLU A 81 -3.95 -2.20 -9.58
N LEU A 82 -3.10 -2.98 -10.22
CA LEU A 82 -2.98 -2.97 -11.68
C LEU A 82 -3.01 -4.39 -12.24
N GLU A 83 -3.97 -4.66 -13.13
CA GLU A 83 -4.04 -5.96 -13.78
C GLU A 83 -3.95 -5.82 -15.29
N VAL A 84 -2.85 -6.28 -15.88
CA VAL A 84 -2.71 -6.27 -17.33
C VAL A 84 -2.58 -7.70 -17.85
N SER A 85 -3.42 -8.06 -18.81
CA SER A 85 -3.43 -9.43 -19.30
C SER A 85 -3.85 -9.54 -20.76
N GLY A 86 -3.29 -10.53 -21.44
CA GLY A 86 -3.69 -10.86 -22.79
C GLY A 86 -3.21 -9.91 -23.89
N ASN A 87 -2.13 -9.20 -23.62
CA ASN A 87 -1.54 -8.37 -24.67
C ASN A 87 -0.20 -8.96 -25.10
N LEU A 88 -0.18 -9.57 -26.28
CA LEU A 88 0.97 -10.33 -26.74
C LEU A 88 2.09 -9.45 -27.26
N GLN A 89 1.76 -8.21 -27.62
CA GLN A 89 2.75 -7.27 -28.11
C GLN A 89 3.26 -6.32 -27.03
N LEU A 90 2.79 -6.50 -25.79
CA LEU A 90 3.26 -5.65 -24.70
C LEU A 90 4.42 -6.32 -24.00
N THR A 91 5.62 -5.79 -24.23
CA THR A 91 6.84 -6.34 -23.66
C THR A 91 7.39 -5.57 -22.47
N SER A 92 6.75 -4.45 -22.13
CA SER A 92 7.28 -3.56 -21.10
C SER A 92 6.22 -2.84 -20.29
N LEU A 93 6.42 -2.76 -18.98
CA LEU A 93 5.57 -1.92 -18.13
C LEU A 93 6.17 -0.53 -17.95
N PRO A 94 5.31 0.48 -17.75
CA PRO A 94 5.76 1.83 -17.40
C PRO A 94 6.26 1.86 -15.96
N SER A 95 6.97 2.91 -15.58
CA SER A 95 7.39 3.03 -14.18
C SER A 95 6.16 2.89 -13.30
N LEU A 96 6.28 2.09 -12.24
CA LEU A 96 5.15 1.80 -11.37
C LEU A 96 5.05 2.75 -10.19
N PRO A 97 3.85 3.25 -9.91
CA PRO A 97 3.61 4.14 -8.76
C PRO A 97 4.04 3.50 -7.44
N GLN A 98 4.75 4.26 -6.62
CA GLN A 98 5.32 3.75 -5.38
C GLN A 98 4.31 3.12 -4.44
N GLY A 99 3.09 3.65 -4.44
CA GLY A 99 2.04 3.18 -3.56
C GLY A 99 1.26 2.00 -4.11
N LEU A 100 1.83 1.34 -5.12
CA LEU A 100 1.17 0.19 -5.75
C LEU A 100 1.27 -1.06 -4.89
N GLN A 101 0.13 -1.71 -4.68
CA GLN A 101 0.05 -2.91 -3.84
C GLN A 101 0.01 -4.20 -4.65
N LYS A 102 -1.02 -4.35 -5.48
CA LYS A 102 -1.17 -5.55 -6.30
C LYS A 102 -0.78 -5.33 -7.76
N LEU A 103 0.23 -6.07 -8.22
CA LEU A 103 0.55 -6.09 -9.64
C LEU A 103 0.32 -7.47 -10.24
N TRP A 104 -0.74 -7.58 -11.04
CA TRP A 104 -0.98 -8.79 -11.80
C TRP A 104 -0.77 -8.46 -13.25
N ALA A 105 0.33 -8.90 -13.82
CA ALA A 105 0.56 -8.69 -15.24
C ALA A 105 1.00 -10.02 -15.84
N TYR A 106 0.16 -10.60 -16.68
CA TYR A 106 0.36 -11.98 -17.10
C TYR A 106 -0.24 -12.24 -18.46
N ASN A 107 0.18 -13.34 -19.08
CA ASN A 107 -0.22 -13.65 -20.44
C ASN A 107 0.01 -12.46 -21.34
N ASN A 108 1.22 -11.89 -21.19
CA ASN A 108 1.70 -10.82 -22.03
C ASN A 108 3.06 -11.25 -22.58
N TRP A 109 3.74 -10.33 -23.26
CA TRP A 109 5.09 -10.61 -23.77
C TRP A 109 6.27 -10.11 -22.92
N LEU A 110 6.01 -9.62 -21.71
CA LEU A 110 7.01 -8.84 -20.98
C LEU A 110 8.38 -9.50 -20.92
N ALA A 111 9.39 -8.76 -21.36
CA ALA A 111 10.79 -9.20 -21.30
C ALA A 111 11.41 -8.96 -19.94
N SER A 112 10.94 -7.91 -19.27
CA SER A 112 11.53 -7.48 -18.01
C SER A 112 10.51 -6.71 -17.19
N LEU A 113 10.82 -6.52 -15.91
CA LEU A 113 9.98 -5.70 -15.06
C LEU A 113 10.75 -4.46 -14.65
N PRO A 114 10.05 -3.34 -14.48
CA PRO A 114 10.70 -2.13 -13.96
C PRO A 114 10.94 -2.36 -12.47
N THR A 115 11.79 -1.56 -11.84
CA THR A 115 12.01 -1.74 -10.41
C THR A 115 10.66 -1.69 -9.73
N LEU A 116 10.45 -2.60 -8.77
CA LEU A 116 9.15 -2.76 -8.16
C LEU A 116 8.99 -1.85 -6.93
N PRO A 117 7.78 -1.32 -6.73
CA PRO A 117 7.46 -0.45 -5.59
C PRO A 117 7.48 -1.22 -4.27
N PRO A 118 8.07 -0.61 -3.24
CA PRO A 118 8.34 -1.25 -1.94
C PRO A 118 7.08 -1.82 -1.29
N GLY A 119 5.95 -1.14 -1.45
CA GLY A 119 4.72 -1.53 -0.80
C GLY A 119 4.05 -2.74 -1.40
N LEU A 120 4.51 -3.14 -2.58
CA LEU A 120 3.86 -4.22 -3.31
C LEU A 120 3.82 -5.48 -2.47
N GLY A 121 2.62 -5.99 -2.22
CA GLY A 121 2.47 -7.22 -1.48
C GLY A 121 2.09 -8.43 -2.32
N ASP A 122 1.61 -8.17 -3.53
CA ASP A 122 1.16 -9.24 -4.41
C ASP A 122 1.70 -9.05 -5.81
N LEU A 123 2.52 -9.97 -6.27
CA LEU A 123 3.08 -9.89 -7.61
C LEU A 123 2.82 -11.18 -8.38
N ALA A 124 1.99 -11.10 -9.40
CA ALA A 124 1.85 -12.24 -10.30
C ALA A 124 2.20 -11.85 -11.73
N VAL A 125 3.36 -12.32 -12.18
CA VAL A 125 3.74 -12.20 -13.58
C VAL A 125 4.01 -13.59 -14.12
N SER A 126 3.12 -14.09 -14.96
CA SER A 126 3.20 -15.46 -15.42
C SER A 126 2.94 -15.53 -16.91
N ASN A 127 3.48 -16.55 -17.55
CA ASN A 127 3.29 -16.72 -18.98
C ASN A 127 3.79 -15.47 -19.72
N ASN A 128 4.92 -14.95 -19.25
CA ASN A 128 5.61 -13.86 -19.91
C ASN A 128 6.93 -14.37 -20.46
N GLN A 129 7.71 -13.46 -21.04
CA GLN A 129 9.03 -13.81 -21.58
C GLN A 129 10.20 -13.56 -20.61
N LEU A 130 9.89 -13.22 -19.37
CA LEU A 130 10.92 -12.82 -18.41
C LEU A 130 12.03 -13.85 -18.29
N THR A 131 13.27 -13.39 -18.48
CA THR A 131 14.44 -14.22 -18.17
C THR A 131 15.08 -13.85 -16.83
N SER A 132 14.58 -12.79 -16.20
CA SER A 132 15.12 -12.35 -14.91
C SER A 132 14.14 -11.49 -14.13
N LEU A 133 14.37 -11.39 -12.83
CA LEU A 133 13.55 -10.56 -11.97
C LEU A 133 14.41 -9.50 -11.28
N PRO A 134 13.80 -8.37 -10.89
CA PRO A 134 14.54 -7.37 -10.12
C PRO A 134 14.55 -7.78 -8.65
N GLU A 135 15.08 -6.93 -7.78
CA GLU A 135 15.02 -7.23 -6.35
C GLU A 135 13.58 -7.20 -5.88
N MET A 136 13.25 -8.06 -4.92
CA MET A 136 11.87 -8.20 -4.45
C MET A 136 11.56 -7.23 -3.32
N PRO A 137 10.41 -6.55 -3.42
CA PRO A 137 9.94 -5.67 -2.34
C PRO A 137 9.77 -6.46 -1.04
N PRO A 138 10.24 -5.90 0.07
CA PRO A 138 10.29 -6.59 1.37
C PRO A 138 8.91 -7.00 1.86
N ALA A 139 7.88 -6.29 1.42
CA ALA A 139 6.53 -6.48 1.91
C ALA A 139 5.73 -7.50 1.09
N LEU A 140 6.37 -8.13 0.10
CA LEU A 140 5.66 -9.00 -0.81
C LEU A 140 5.31 -10.33 -0.16
N ARG A 141 4.02 -10.62 -0.03
CA ARG A 141 3.59 -11.90 0.53
C ARG A 141 3.23 -12.99 -0.47
N GLU A 142 3.05 -12.62 -1.74
CA GLU A 142 2.66 -13.60 -2.76
C GLU A 142 3.40 -13.35 -4.07
N LEU A 143 4.09 -14.37 -4.56
CA LEU A 143 4.86 -14.24 -5.79
C LEU A 143 4.57 -15.38 -6.77
N ARG A 144 3.94 -15.06 -7.91
CA ARG A 144 3.78 -16.06 -8.95
C ARG A 144 4.56 -15.68 -10.21
N VAL A 145 5.69 -16.34 -10.41
CA VAL A 145 6.54 -16.14 -11.58
C VAL A 145 6.44 -17.23 -12.66
N SER A 146 5.55 -18.20 -12.46
CA SER A 146 5.54 -19.41 -13.27
C SER A 146 5.27 -19.13 -14.75
N GLY A 147 5.70 -20.05 -15.61
CA GLY A 147 5.45 -19.93 -17.03
C GLY A 147 6.37 -18.95 -17.72
N ASN A 148 7.60 -18.85 -17.23
CA ASN A 148 8.58 -17.93 -17.79
C ASN A 148 9.87 -18.62 -18.18
N ASN A 149 10.86 -17.83 -18.57
CA ASN A 149 12.18 -18.35 -18.92
C ASN A 149 13.17 -18.33 -17.76
N LEU A 150 12.69 -17.96 -16.58
CA LEU A 150 13.57 -17.74 -15.42
C LEU A 150 14.53 -18.91 -15.20
N THR A 151 15.81 -18.59 -15.06
CA THR A 151 16.82 -19.58 -14.71
C THR A 151 17.15 -19.52 -13.22
N SER A 152 16.55 -18.57 -12.52
CA SER A 152 16.88 -18.36 -11.11
C SER A 152 16.02 -17.26 -10.49
N LEU A 153 16.01 -17.21 -9.16
CA LEU A 153 15.22 -16.22 -8.44
C LEU A 153 16.12 -15.36 -7.55
N PRO A 154 15.76 -14.10 -7.35
CA PRO A 154 16.53 -13.24 -6.45
C PRO A 154 16.16 -13.49 -5.00
N ALA A 155 16.83 -12.82 -4.07
CA ALA A 155 16.55 -13.01 -2.65
C ALA A 155 15.07 -12.82 -2.35
N LEU A 156 14.51 -13.75 -1.58
CA LEU A 156 13.10 -13.71 -1.21
C LEU A 156 12.86 -12.98 0.11
N PRO A 157 11.76 -12.21 0.18
CA PRO A 157 11.40 -11.41 1.37
C PRO A 157 10.89 -12.27 2.52
N SER A 158 11.07 -11.76 3.75
CA SER A 158 10.75 -12.51 4.96
C SER A 158 9.26 -12.74 5.17
N GLY A 159 8.43 -12.03 4.39
CA GLY A 159 6.99 -12.12 4.58
C GLY A 159 6.27 -12.91 3.52
N LEU A 160 7.02 -13.54 2.61
CA LEU A 160 6.40 -14.21 1.47
C LEU A 160 5.65 -15.46 1.93
N GLN A 161 4.34 -15.48 1.69
CA GLN A 161 3.52 -16.63 2.06
C GLN A 161 3.32 -17.65 0.94
N LYS A 162 3.61 -17.26 -0.29
CA LYS A 162 3.41 -18.15 -1.44
C LYS A 162 4.41 -17.87 -2.56
N LEU A 163 4.92 -18.94 -3.16
CA LEU A 163 5.80 -18.80 -4.31
C LEU A 163 5.50 -19.85 -5.38
N TRP A 164 5.13 -19.40 -6.58
CA TRP A 164 5.01 -20.31 -7.71
C TRP A 164 6.06 -20.00 -8.76
N ALA A 165 7.09 -20.83 -8.81
CA ALA A 165 8.15 -20.71 -9.81
C ALA A 165 8.02 -21.72 -10.95
N TYR A 166 6.97 -22.52 -10.92
CA TYR A 166 6.90 -23.71 -11.77
C TYR A 166 6.92 -23.42 -13.26
N ASN A 167 7.33 -24.43 -14.04
CA ASN A 167 7.48 -24.30 -15.48
C ASN A 167 8.46 -23.19 -15.87
N ASN A 168 9.72 -23.39 -15.48
CA ASN A 168 10.79 -22.45 -15.78
C ASN A 168 12.10 -23.21 -16.04
N ARG A 169 13.19 -22.46 -16.17
CA ARG A 169 14.51 -23.04 -16.38
C ARG A 169 15.32 -23.19 -15.08
N LEU A 170 14.69 -22.95 -13.94
CA LEU A 170 15.43 -22.77 -12.68
C LEU A 170 16.40 -23.90 -12.37
N THR A 171 17.66 -23.54 -12.22
CA THR A 171 18.71 -24.45 -11.75
C THR A 171 18.77 -24.54 -10.22
N SER A 172 18.57 -23.40 -9.56
CA SER A 172 18.71 -23.34 -8.10
C SER A 172 17.71 -22.39 -7.45
N LEU A 173 17.19 -22.80 -6.31
CA LEU A 173 16.33 -21.93 -5.50
C LEU A 173 17.16 -21.14 -4.49
N PRO A 174 16.68 -19.94 -4.13
CA PRO A 174 17.36 -19.15 -3.09
C PRO A 174 16.91 -19.60 -1.70
N GLU A 175 17.49 -19.01 -0.66
CA GLU A 175 17.10 -19.35 0.70
C GLU A 175 15.68 -18.89 0.96
N MET A 176 14.98 -19.58 1.84
CA MET A 176 13.57 -19.31 2.09
C MET A 176 13.30 -18.93 3.54
N SER A 177 12.31 -18.06 3.74
CA SER A 177 11.90 -17.67 5.09
C SER A 177 10.91 -18.69 5.66
N PRO A 178 11.05 -18.99 6.95
CA PRO A 178 10.26 -20.03 7.63
C PRO A 178 8.76 -19.83 7.49
N GLY A 179 8.33 -18.58 7.25
CA GLY A 179 6.92 -18.26 7.18
C GLY A 179 6.26 -18.57 5.86
N LEU A 180 6.94 -19.33 5.00
CA LEU A 180 6.41 -19.65 3.68
C LEU A 180 5.38 -20.77 3.76
N GLN A 181 4.15 -20.49 3.38
CA GLN A 181 3.06 -21.46 3.45
C GLN A 181 3.01 -22.45 2.27
N GLU A 182 3.23 -21.94 1.06
CA GLU A 182 3.14 -22.76 -0.14
C GLU A 182 4.24 -22.47 -1.14
N LEU A 183 4.94 -23.52 -1.55
CA LEU A 183 5.99 -23.41 -2.56
C LEU A 183 5.78 -24.42 -3.68
N ASP A 184 5.48 -23.93 -4.87
CA ASP A 184 5.37 -24.79 -6.02
C ASP A 184 6.46 -24.49 -7.03
N VAL A 185 7.44 -25.38 -7.12
CA VAL A 185 8.45 -25.29 -8.15
C VAL A 185 8.45 -26.61 -8.89
N SER A 186 8.01 -26.56 -10.15
CA SER A 186 7.79 -27.78 -10.90
C SER A 186 8.34 -27.62 -12.31
N HIS A 187 8.76 -28.73 -12.89
CA HIS A 187 9.21 -28.70 -14.27
C HIS A 187 10.33 -27.69 -14.39
N ASN A 188 11.34 -27.83 -13.53
CA ASN A 188 12.54 -27.03 -13.58
C ASN A 188 13.80 -27.90 -13.62
N GLN A 189 14.96 -27.25 -13.58
CA GLN A 189 16.24 -27.93 -13.70
C GLN A 189 16.91 -28.23 -12.36
N LEU A 190 16.23 -27.95 -11.25
CA LEU A 190 16.87 -28.08 -9.94
C LEU A 190 17.37 -29.49 -9.69
N THR A 191 18.67 -29.62 -9.46
CA THR A 191 19.24 -30.88 -9.00
C THR A 191 19.49 -30.86 -7.49
N ARG A 192 19.27 -29.72 -6.87
CA ARG A 192 19.56 -29.53 -5.45
C ARG A 192 18.55 -28.60 -4.81
N LEU A 193 18.54 -28.58 -3.47
CA LEU A 193 17.62 -27.72 -2.72
C LEU A 193 18.30 -27.06 -1.53
N PRO A 194 17.87 -25.84 -1.18
CA PRO A 194 18.44 -25.07 -0.07
C PRO A 194 18.11 -25.67 1.30
N GLN A 195 19.07 -25.60 2.21
CA GLN A 195 18.92 -26.15 3.55
C GLN A 195 17.74 -25.52 4.29
N SER A 196 17.46 -24.25 3.98
CA SER A 196 16.41 -23.50 4.66
C SER A 196 15.06 -24.21 4.55
N LEU A 197 14.96 -25.13 3.60
CA LEU A 197 13.74 -25.90 3.39
C LEU A 197 13.33 -26.64 4.66
N THR A 198 14.31 -26.97 5.49
CA THR A 198 14.05 -27.72 6.72
C THR A 198 13.39 -26.84 7.78
N GLY A 199 13.55 -25.53 7.65
CA GLY A 199 13.03 -24.59 8.62
C GLY A 199 11.55 -24.26 8.42
N LEU A 200 10.95 -24.85 7.39
CA LEU A 200 9.55 -24.60 7.08
C LEU A 200 8.59 -25.23 8.07
N SER A 201 7.36 -24.72 8.10
CA SER A 201 6.30 -25.29 8.92
C SER A 201 5.81 -26.61 8.33
N SER A 202 5.41 -27.53 9.19
CA SER A 202 4.91 -28.83 8.75
C SER A 202 3.61 -28.69 7.97
N ALA A 203 2.99 -27.51 8.08
CA ALA A 203 1.74 -27.24 7.37
C ALA A 203 2.01 -26.64 5.99
N ALA A 204 3.29 -26.53 5.62
CA ALA A 204 3.66 -26.00 4.32
C ALA A 204 3.42 -27.03 3.21
N ARG A 205 2.96 -26.53 2.05
CA ARG A 205 2.70 -27.38 0.90
C ARG A 205 3.76 -27.14 -0.17
N VAL A 206 4.63 -28.13 -0.38
CA VAL A 206 5.73 -27.99 -1.32
C VAL A 206 5.66 -29.00 -2.46
N TYR A 207 5.63 -28.51 -3.69
CA TYR A 207 5.56 -29.39 -4.85
C TYR A 207 6.84 -29.31 -5.67
N LEU A 208 7.65 -30.37 -5.59
CA LEU A 208 8.92 -30.44 -6.30
C LEU A 208 8.89 -31.26 -7.60
N ASP A 209 7.73 -31.82 -7.91
CA ASP A 209 7.61 -32.71 -9.06
C ASP A 209 8.07 -32.03 -10.36
N GLY A 210 8.69 -32.82 -11.24
CA GLY A 210 9.13 -32.32 -12.53
C GLY A 210 10.58 -31.88 -12.55
N ASN A 211 11.33 -32.24 -11.52
CA ASN A 211 12.74 -31.86 -11.41
C ASN A 211 13.68 -33.05 -11.36
N PRO A 212 14.90 -32.88 -11.91
CA PRO A 212 15.93 -33.92 -11.87
C PRO A 212 16.24 -34.35 -10.44
N LEU A 213 16.38 -33.39 -9.54
CA LEU A 213 16.76 -33.68 -8.16
C LEU A 213 17.99 -34.58 -8.14
N SER A 214 18.00 -35.56 -7.26
CA SER A 214 19.11 -36.52 -7.18
C SER A 214 18.86 -37.51 -6.05
N VAL A 215 19.58 -38.63 -6.11
CA VAL A 215 19.46 -39.67 -5.09
C VAL A 215 19.75 -39.10 -3.70
N ARG A 216 20.84 -38.36 -3.60
CA ARG A 216 21.21 -37.69 -2.35
C ARG A 216 20.08 -36.78 -1.90
N THR A 217 19.58 -35.97 -2.84
CA THR A 217 18.49 -35.04 -2.54
C THR A 217 17.19 -35.77 -2.22
N LEU A 218 16.94 -36.87 -2.90
CA LEU A 218 15.73 -37.64 -2.68
C LEU A 218 15.69 -38.27 -1.29
N GLN A 219 16.79 -38.92 -0.91
CA GLN A 219 16.87 -39.53 0.41
C GLN A 219 16.92 -38.46 1.49
N ALA A 220 17.51 -37.31 1.16
CA ALA A 220 17.49 -36.17 2.07
C ALA A 220 16.04 -35.74 2.32
N LEU A 221 15.26 -35.71 1.25
CA LEU A 221 13.85 -35.34 1.33
C LEU A 221 13.05 -36.36 2.14
N ARG A 222 13.37 -37.64 1.96
CA ARG A 222 12.68 -38.71 2.68
C ARG A 222 12.99 -38.67 4.18
N ASP A 223 14.26 -38.43 4.51
CA ASP A 223 14.65 -38.26 5.91
C ASP A 223 13.96 -37.04 6.52
N ILE A 224 13.97 -35.93 5.78
CA ILE A 224 13.31 -34.71 6.22
C ILE A 224 11.82 -34.93 6.48
N ILE A 225 11.17 -35.69 5.60
CA ILE A 225 9.76 -36.03 5.78
C ILE A 225 9.58 -36.86 7.04
N GLY A 226 10.45 -37.86 7.22
CA GLY A 226 10.38 -38.71 8.38
C GLY A 226 10.49 -37.94 9.69
N HIS A 227 11.42 -36.99 9.74
CA HIS A 227 11.65 -36.21 10.95
C HIS A 227 10.65 -35.06 11.15
N SER A 228 10.05 -34.60 10.06
CA SER A 228 9.18 -33.42 10.12
C SER A 228 7.68 -33.77 10.08
N GLY A 229 7.24 -34.35 8.98
CA GLY A 229 5.84 -34.64 8.77
C GLY A 229 5.21 -33.69 7.77
N ILE A 230 6.02 -32.81 7.21
CA ILE A 230 5.58 -31.90 6.16
C ILE A 230 5.32 -32.66 4.86
N ARG A 231 4.46 -32.13 4.01
CA ARG A 231 4.11 -32.80 2.76
C ARG A 231 4.94 -32.29 1.58
N ILE A 232 5.63 -33.22 0.91
CA ILE A 232 6.48 -32.87 -0.22
C ILE A 232 6.25 -33.81 -1.42
N HIS A 233 6.54 -33.32 -2.62
CA HIS A 233 6.29 -34.09 -3.85
C HIS A 233 7.59 -34.54 -4.54
N PHE A 234 7.59 -35.79 -5.02
CA PHE A 234 8.77 -36.35 -5.70
C PHE A 234 8.44 -36.79 -7.12
N ASP A 235 9.30 -36.41 -8.06
CA ASP A 235 9.09 -36.74 -9.47
C ASP A 235 10.29 -36.30 -10.31
N LEU B 8 -3.96 -41.92 -5.10
CA LEU B 8 -5.19 -41.26 -5.53
C LEU B 8 -5.46 -41.53 -7.01
N SER B 9 -6.73 -41.59 -7.37
CA SER B 9 -7.14 -41.97 -8.73
C SER B 9 -6.75 -40.97 -9.81
N ARG B 10 -7.13 -39.71 -9.63
CA ARG B 10 -7.00 -38.69 -10.67
C ARG B 10 -5.58 -38.12 -10.82
N VAL B 11 -4.76 -38.31 -9.79
CA VAL B 11 -3.41 -37.76 -9.79
C VAL B 11 -2.60 -38.17 -11.01
N ALA B 12 -2.49 -39.47 -11.24
CA ALA B 12 -1.71 -39.99 -12.37
C ALA B 12 -2.15 -39.36 -13.68
N GLY B 13 -3.47 -39.37 -13.93
CA GLY B 13 -4.02 -38.79 -15.14
C GLY B 13 -3.66 -37.33 -15.29
N LEU B 14 -3.81 -36.57 -14.21
CA LEU B 14 -3.44 -35.16 -14.20
C LEU B 14 -1.97 -34.98 -14.60
N GLU B 15 -1.10 -35.81 -14.02
CA GLU B 15 0.32 -35.75 -14.34
C GLU B 15 0.59 -36.06 -15.81
N LYS B 16 -0.16 -37.01 -16.37
CA LYS B 16 -0.04 -37.34 -17.78
C LYS B 16 -0.42 -36.14 -18.66
N GLN B 17 -1.56 -35.52 -18.33
CA GLN B 17 -1.98 -34.30 -19.02
C GLN B 17 -0.88 -33.25 -18.94
N LEU B 18 -0.23 -33.18 -17.78
CA LEU B 18 0.90 -32.27 -17.59
C LEU B 18 2.04 -32.57 -18.55
N ALA B 19 2.43 -33.84 -18.65
CA ALA B 19 3.49 -34.23 -19.56
C ALA B 19 3.16 -33.84 -21.00
N ILE B 20 1.93 -34.14 -21.40
CA ILE B 20 1.47 -33.81 -22.75
C ILE B 20 1.54 -32.30 -23.04
N GLU B 21 0.88 -31.50 -22.20
CA GLU B 21 0.85 -30.06 -22.39
C GLU B 21 2.23 -29.43 -22.30
N LEU B 22 3.11 -30.03 -21.51
CA LEU B 22 4.49 -29.57 -21.43
C LEU B 22 5.21 -29.82 -22.74
N LYS B 23 5.00 -31.00 -23.32
CA LYS B 23 5.56 -31.31 -24.62
C LYS B 23 5.08 -30.28 -25.65
N VAL B 24 3.77 -30.03 -25.64
CA VAL B 24 3.17 -29.04 -26.53
C VAL B 24 3.84 -27.68 -26.35
N LYS B 25 4.05 -27.29 -25.11
CA LYS B 25 4.70 -26.02 -24.79
C LYS B 25 6.11 -25.95 -25.39
N GLN B 26 6.88 -27.01 -25.19
CA GLN B 26 8.21 -27.11 -25.77
C GLN B 26 8.16 -26.88 -27.28
N GLY B 27 7.27 -27.62 -27.94
CA GLY B 27 7.10 -27.48 -29.37
C GLY B 27 6.83 -26.04 -29.77
N ALA B 28 5.85 -25.43 -29.12
CA ALA B 28 5.48 -24.04 -29.40
C ALA B 28 6.68 -23.11 -29.26
N GLU B 29 7.42 -23.26 -28.17
CA GLU B 29 8.61 -22.45 -27.93
C GLU B 29 9.58 -22.58 -29.11
N ASN B 30 9.83 -23.81 -29.54
CA ASN B 30 10.73 -24.03 -30.66
C ASN B 30 10.23 -23.39 -31.96
N MET B 31 8.92 -23.45 -32.17
CA MET B 31 8.31 -22.78 -33.32
C MET B 31 8.59 -21.28 -33.27
N ILE B 32 8.23 -20.66 -32.16
CA ILE B 32 8.49 -19.24 -31.95
C ILE B 32 9.95 -18.88 -32.22
N GLN B 33 10.85 -19.76 -31.78
CA GLN B 33 12.28 -19.53 -31.98
C GLN B 33 12.67 -19.62 -33.46
N THR B 34 11.98 -20.50 -34.18
CA THR B 34 12.28 -20.72 -35.60
C THR B 34 11.76 -19.60 -36.50
N TYR B 35 10.60 -19.06 -36.15
CA TYR B 35 9.94 -18.03 -36.97
C TYR B 35 10.25 -16.59 -36.55
N SER B 36 11.17 -16.43 -35.60
CA SER B 36 11.52 -15.11 -35.10
C SER B 36 12.51 -14.39 -36.01
N ASN B 37 12.85 -15.04 -37.13
CA ASN B 37 13.71 -14.44 -38.14
C ASN B 37 13.19 -13.08 -38.61
N GLY B 38 11.88 -12.87 -38.46
CA GLY B 38 11.28 -11.58 -38.76
C GLY B 38 10.87 -11.37 -40.20
N SER B 39 10.65 -12.46 -40.93
CA SER B 39 10.19 -12.36 -42.32
C SER B 39 8.68 -12.16 -42.37
N THR B 40 8.25 -11.28 -43.26
CA THR B 40 6.83 -10.95 -43.38
C THR B 40 5.98 -12.18 -43.68
N LYS B 41 6.61 -13.23 -44.18
CA LYS B 41 5.90 -14.46 -44.55
C LYS B 41 5.60 -15.37 -43.35
N ASP B 42 6.51 -15.40 -42.38
CA ASP B 42 6.36 -16.25 -41.21
C ASP B 42 5.55 -15.59 -40.10
N ARG B 43 5.08 -14.37 -40.35
CA ARG B 43 4.36 -13.61 -39.33
C ARG B 43 3.20 -14.38 -38.71
N LYS B 44 2.31 -14.91 -39.54
CA LYS B 44 1.13 -15.62 -39.06
C LYS B 44 1.51 -16.90 -38.31
N LEU B 45 2.52 -17.60 -38.81
CA LEU B 45 3.00 -18.81 -38.15
C LEU B 45 3.56 -18.48 -36.77
N LEU B 46 4.29 -17.36 -36.69
CA LEU B 46 4.85 -16.88 -35.44
C LEU B 46 3.76 -16.54 -34.43
N LEU B 47 2.77 -15.77 -34.87
CA LEU B 47 1.66 -15.38 -34.00
C LEU B 47 0.91 -16.62 -33.50
N THR B 48 0.67 -17.57 -34.40
CA THR B 48 0.01 -18.81 -34.02
C THR B 48 0.83 -19.54 -32.96
N ALA B 49 2.13 -19.66 -33.20
CA ALA B 49 3.02 -20.31 -32.25
C ALA B 49 2.93 -19.64 -30.87
N GLN B 50 2.89 -18.31 -30.85
CA GLN B 50 2.74 -17.58 -29.60
C GLN B 50 1.44 -17.94 -28.88
N GLN B 51 0.32 -17.77 -29.58
CA GLN B 51 -0.99 -18.08 -29.01
C GLN B 51 -1.05 -19.51 -28.47
N MET B 52 -0.36 -20.42 -29.16
CA MET B 52 -0.29 -21.80 -28.71
C MET B 52 0.52 -21.91 -27.42
N LEU B 53 1.68 -21.27 -27.38
CA LEU B 53 2.50 -21.26 -26.17
C LEU B 53 1.68 -20.80 -24.97
N GLN B 54 1.05 -19.63 -25.11
CA GLN B 54 0.21 -19.07 -24.06
C GLN B 54 -0.90 -20.04 -23.65
N ASP B 55 -1.56 -20.63 -24.64
CA ASP B 55 -2.59 -21.63 -24.36
C ASP B 55 -2.06 -22.75 -23.48
N SER B 56 -0.98 -23.39 -23.91
CA SER B 56 -0.38 -24.48 -23.15
C SER B 56 -0.05 -24.06 -21.72
N LYS B 57 0.56 -22.88 -21.56
CA LYS B 57 0.90 -22.41 -20.23
C LYS B 57 -0.33 -22.24 -19.33
N THR B 58 -1.36 -21.59 -19.86
CA THR B 58 -2.61 -21.44 -19.12
C THR B 58 -3.19 -22.79 -18.71
N LYS B 59 -3.30 -23.71 -19.67
CA LYS B 59 -3.79 -25.05 -19.39
C LYS B 59 -2.97 -25.72 -18.28
N ILE B 60 -1.66 -25.52 -18.30
CA ILE B 60 -0.82 -26.08 -17.25
C ILE B 60 -1.21 -25.46 -15.91
N ASP B 61 -1.38 -24.14 -15.87
CA ASP B 61 -1.83 -23.47 -14.65
C ASP B 61 -3.11 -24.12 -14.11
N ILE B 62 -4.12 -24.22 -14.95
CA ILE B 62 -5.43 -24.76 -14.55
C ILE B 62 -5.34 -26.21 -14.06
N ILE B 63 -4.81 -27.07 -14.92
CA ILE B 63 -4.60 -28.47 -14.58
C ILE B 63 -3.83 -28.61 -13.28
N ARG B 64 -2.92 -27.67 -13.02
CA ARG B 64 -2.14 -27.69 -11.78
C ARG B 64 -2.95 -27.28 -10.56
N MET B 65 -3.87 -26.33 -10.74
CA MET B 65 -4.80 -25.99 -9.68
C MET B 65 -5.57 -27.25 -9.30
N GLN B 66 -6.12 -27.91 -10.32
CA GLN B 66 -6.86 -29.15 -10.10
C GLN B 66 -6.00 -30.22 -9.41
N LEU B 67 -4.73 -30.28 -9.80
CA LEU B 67 -3.79 -31.26 -9.23
C LEU B 67 -3.52 -30.99 -7.76
N ARG B 68 -3.28 -29.73 -7.42
CA ARG B 68 -3.11 -29.33 -6.03
C ARG B 68 -4.35 -29.69 -5.23
N ARG B 69 -5.52 -29.55 -5.83
CA ARG B 69 -6.75 -29.99 -5.17
C ARG B 69 -6.72 -31.50 -4.91
N ALA B 70 -6.31 -32.26 -5.92
CA ALA B 70 -6.28 -33.71 -5.84
C ALA B 70 -5.29 -34.25 -4.81
N LEU B 71 -4.33 -33.42 -4.41
CA LEU B 71 -3.30 -33.85 -3.46
C LEU B 71 -3.71 -33.62 -2.01
N GLN B 72 -4.95 -33.16 -1.83
CA GLN B 72 -5.50 -32.98 -0.49
C GLN B 72 -6.42 -34.14 -0.17
N ALA B 73 -5.99 -34.99 0.77
CA ALA B 73 -6.77 -36.18 1.14
C ALA B 73 -6.14 -36.86 2.36
N GLY C 1 19.61 -12.23 9.19
CA GLY C 1 18.81 -12.88 10.21
C GLY C 1 19.44 -12.86 11.59
N ALA C 2 20.57 -13.55 11.72
CA ALA C 2 21.30 -13.58 12.99
C ALA C 2 21.61 -12.16 13.44
N GLU C 3 21.83 -11.28 12.48
CA GLU C 3 22.09 -9.87 12.77
C GLU C 3 20.91 -9.27 13.53
N TYR C 4 19.70 -9.68 13.17
CA TYR C 4 18.49 -9.22 13.85
C TYR C 4 18.50 -9.66 15.31
N ASP C 5 18.79 -10.93 15.55
CA ASP C 5 18.87 -11.45 16.91
C ASP C 5 19.92 -10.70 17.72
N ALA C 6 21.07 -10.40 17.09
CA ALA C 6 22.14 -9.70 17.78
C ALA C 6 21.71 -8.29 18.16
N VAL C 7 21.16 -7.55 17.20
CA VAL C 7 20.72 -6.19 17.42
C VAL C 7 19.63 -6.12 18.49
N TRP C 8 18.66 -7.02 18.39
CA TRP C 8 17.53 -7.05 19.30
C TRP C 8 17.93 -7.46 20.72
N SER C 9 18.74 -8.50 20.84
CA SER C 9 19.21 -8.95 22.14
C SER C 9 20.06 -7.87 22.79
N LYS C 10 20.88 -7.19 21.99
CA LYS C 10 21.65 -6.06 22.48
C LYS C 10 20.72 -4.96 22.99
N TRP C 11 19.70 -4.65 22.19
CA TRP C 11 18.74 -3.60 22.54
C TRP C 11 18.02 -3.91 23.84
N GLU C 12 17.69 -5.18 24.05
CA GLU C 12 17.01 -5.60 25.27
C GLU C 12 17.96 -5.54 26.47
N ARG C 13 19.20 -5.99 26.28
CA ARG C 13 20.22 -5.89 27.32
C ARG C 13 20.48 -4.44 27.70
N ASP C 14 20.24 -3.53 26.76
CA ASP C 14 20.52 -2.12 26.96
C ASP C 14 19.35 -1.35 27.55
N ALA C 15 18.28 -2.07 27.89
CA ALA C 15 17.11 -1.44 28.50
C ALA C 15 17.48 -0.64 29.75
N PRO C 16 17.03 0.62 29.81
CA PRO C 16 17.14 1.43 31.03
C PRO C 16 16.39 0.74 32.15
N ALA C 17 16.68 1.13 33.39
CA ALA C 17 16.04 0.50 34.54
C ALA C 17 14.52 0.50 34.40
N GLY C 18 13.91 -0.65 34.66
CA GLY C 18 12.47 -0.78 34.61
C GLY C 18 11.92 -1.03 33.21
N GLU C 19 12.78 -0.88 32.21
CA GLU C 19 12.36 -0.99 30.81
C GLU C 19 12.63 -2.36 30.21
N SER C 20 13.24 -3.26 30.98
CA SER C 20 13.66 -4.56 30.48
C SER C 20 12.51 -5.49 30.05
N PRO C 21 11.50 -5.66 30.91
CA PRO C 21 10.37 -6.54 30.57
C PRO C 21 9.69 -6.16 29.25
N GLY C 22 9.46 -4.86 29.05
CA GLY C 22 8.81 -4.39 27.84
C GLY C 22 9.62 -4.68 26.59
N ARG C 23 10.92 -4.41 26.66
CA ARG C 23 11.81 -4.67 25.54
C ARG C 23 11.88 -6.17 25.24
N ALA C 24 11.83 -6.98 26.28
CA ALA C 24 11.82 -8.43 26.10
C ALA C 24 10.56 -8.85 25.35
N ALA C 25 9.43 -8.34 25.80
CA ALA C 25 8.15 -8.63 25.14
C ALA C 25 8.16 -8.24 23.66
N VAL C 26 8.64 -7.04 23.39
CA VAL C 26 8.73 -6.55 22.02
C VAL C 26 9.66 -7.42 21.17
N VAL C 27 10.83 -7.76 21.72
CA VAL C 27 11.76 -8.62 21.01
C VAL C 27 11.12 -9.96 20.67
N GLN C 28 10.34 -10.49 21.60
CA GLN C 28 9.60 -11.73 21.34
C GLN C 28 8.62 -11.53 20.19
N GLU C 29 7.94 -10.38 20.20
CA GLU C 29 7.04 -10.01 19.10
C GLU C 29 7.77 -10.07 17.75
N MET C 30 8.88 -9.35 17.66
CA MET C 30 9.64 -9.25 16.41
C MET C 30 10.18 -10.60 15.93
N ARG C 31 10.78 -11.36 16.85
CA ARG C 31 11.27 -12.69 16.53
C ARG C 31 10.13 -13.56 15.99
N ASP C 32 8.95 -13.41 16.60
CA ASP C 32 7.77 -14.11 16.11
C ASP C 32 7.46 -13.70 14.68
N CYS C 33 7.45 -12.38 14.43
CA CYS C 33 7.19 -11.84 13.11
C CYS C 33 8.11 -12.46 12.06
N LEU C 34 9.42 -12.42 12.31
CA LEU C 34 10.37 -13.06 11.40
C LEU C 34 10.06 -14.53 11.21
N ASN C 35 9.74 -15.21 12.31
CA ASN C 35 9.47 -16.64 12.24
C ASN C 35 8.30 -17.00 11.32
N ASN C 36 7.13 -16.43 11.60
CA ASN C 36 5.93 -16.77 10.83
C ASN C 36 5.60 -15.80 9.69
N GLY C 37 6.40 -14.75 9.56
CA GLY C 37 6.19 -13.77 8.50
C GLY C 37 5.03 -12.84 8.78
N ASN C 38 4.68 -12.69 10.05
CA ASN C 38 3.60 -11.80 10.45
C ASN C 38 3.90 -10.36 10.01
N PRO C 39 3.03 -9.80 9.16
CA PRO C 39 3.18 -8.45 8.60
C PRO C 39 2.93 -7.32 9.61
N VAL C 40 2.22 -7.60 10.70
CA VAL C 40 1.87 -6.55 11.66
C VAL C 40 2.74 -6.57 12.92
N LEU C 41 3.20 -5.40 13.33
CA LEU C 41 3.95 -5.27 14.58
C LEU C 41 3.44 -4.15 15.47
N ASN C 42 2.98 -4.51 16.66
CA ASN C 42 2.54 -3.53 17.66
C ASN C 42 3.39 -3.64 18.92
N VAL C 43 4.19 -2.61 19.18
CA VAL C 43 5.11 -2.62 20.31
C VAL C 43 4.42 -2.36 21.66
N GLY C 44 3.14 -1.99 21.60
CA GLY C 44 2.39 -1.72 22.82
C GLY C 44 2.96 -0.54 23.58
N ALA C 45 2.44 -0.28 24.78
CA ALA C 45 3.04 0.74 25.61
C ALA C 45 3.87 0.06 26.69
N SER C 46 5.18 0.04 26.50
CA SER C 46 6.11 -0.54 27.45
C SER C 46 6.81 0.52 28.29
N GLY C 47 6.51 1.78 28.02
CA GLY C 47 7.28 2.88 28.57
C GLY C 47 8.66 2.92 27.93
N LEU C 48 8.73 2.55 26.64
CA LEU C 48 9.99 2.48 25.92
C LEU C 48 10.63 3.84 25.67
N THR C 49 11.91 3.96 25.98
CA THR C 49 12.67 5.16 25.65
C THR C 49 13.30 5.13 24.26
N THR C 50 13.40 3.94 23.66
CA THR C 50 13.92 3.80 22.31
C THR C 50 13.37 2.57 21.58
N LEU C 51 13.80 2.40 20.34
CA LEU C 51 13.48 1.21 19.57
C LEU C 51 14.76 0.71 18.91
N PRO C 52 14.76 -0.56 18.46
CA PRO C 52 15.95 -1.16 17.84
C PRO C 52 16.35 -0.42 16.57
N ASP C 53 17.66 -0.38 16.28
CA ASP C 53 18.12 0.26 15.05
C ASP C 53 17.32 -0.25 13.87
N ARG C 54 17.02 -1.55 13.88
CA ARG C 54 16.31 -2.20 12.78
C ARG C 54 15.05 -2.91 13.28
N LEU C 55 14.05 -3.02 12.40
CA LEU C 55 12.85 -3.79 12.70
C LEU C 55 12.70 -4.91 11.67
N PRO C 56 11.67 -5.76 11.83
CA PRO C 56 11.48 -6.77 10.78
C PRO C 56 11.19 -6.09 9.44
N PRO C 57 11.94 -6.46 8.40
CA PRO C 57 11.90 -5.74 7.12
C PRO C 57 10.59 -5.89 6.37
N HIS C 58 9.87 -6.97 6.61
CA HIS C 58 8.66 -7.29 5.85
C HIS C 58 7.41 -6.63 6.41
N ILE C 59 7.54 -5.96 7.56
CA ILE C 59 6.38 -5.37 8.22
C ILE C 59 5.66 -4.36 7.33
N THR C 60 4.38 -4.62 7.06
CA THR C 60 3.50 -3.67 6.40
C THR C 60 2.83 -2.67 7.35
N THR C 61 2.61 -3.09 8.59
CA THR C 61 1.90 -2.27 9.56
C THR C 61 2.68 -2.11 10.87
N LEU C 62 3.00 -0.87 11.23
CA LEU C 62 3.73 -0.59 12.47
C LEU C 62 2.92 0.30 13.42
N VAL C 63 2.68 -0.22 14.63
CA VAL C 63 1.90 0.52 15.63
C VAL C 63 2.69 0.81 16.91
N ILE C 64 2.92 2.10 17.14
CA ILE C 64 3.60 2.58 18.35
C ILE C 64 2.66 3.45 19.21
N PRO C 65 2.18 2.88 20.32
CA PRO C 65 1.32 3.50 21.32
C PRO C 65 2.10 4.41 22.25
N ASP C 66 1.46 4.86 23.32
CA ASP C 66 2.09 5.78 24.27
C ASP C 66 3.43 5.24 24.76
N ASN C 67 4.47 6.06 24.61
CA ASN C 67 5.81 5.69 25.06
C ASN C 67 6.67 6.91 25.30
N ASN C 68 7.94 6.68 25.66
CA ASN C 68 8.88 7.76 25.93
C ASN C 68 9.80 8.12 24.75
N LEU C 69 9.54 7.52 23.58
CA LEU C 69 10.42 7.66 22.42
C LEU C 69 10.77 9.11 22.06
N THR C 70 12.06 9.40 21.94
CA THR C 70 12.49 10.69 21.40
C THR C 70 12.75 10.64 19.89
N SER C 71 12.81 9.43 19.33
CA SER C 71 12.90 9.29 17.88
C SER C 71 12.48 7.91 17.39
N LEU C 72 12.08 7.83 16.13
CA LEU C 72 11.85 6.55 15.48
C LEU C 72 13.10 6.09 14.73
N PRO C 73 13.29 4.77 14.62
CA PRO C 73 14.40 4.26 13.83
C PRO C 73 14.04 4.33 12.35
N GLU C 74 14.95 3.94 11.46
CA GLU C 74 14.59 3.88 10.06
C GLU C 74 13.52 2.82 9.85
N LEU C 75 12.42 3.22 9.21
CA LEU C 75 11.24 2.37 9.07
C LEU C 75 11.44 1.31 8.00
N PRO C 76 10.74 0.17 8.15
CA PRO C 76 10.78 -0.91 7.14
C PRO C 76 10.39 -0.36 5.77
N GLU C 77 11.22 -0.63 4.77
CA GLU C 77 11.06 0.00 3.46
C GLU C 77 9.71 -0.27 2.81
N GLY C 78 9.09 -1.39 3.18
CA GLY C 78 7.85 -1.80 2.57
C GLY C 78 6.62 -1.47 3.41
N LEU C 79 6.77 -0.53 4.33
CA LEU C 79 5.72 -0.22 5.28
C LEU C 79 4.52 0.45 4.61
N ARG C 80 3.36 -0.16 4.76
CA ARG C 80 2.11 0.41 4.28
C ARG C 80 1.43 1.42 5.22
N GLU C 81 1.42 1.10 6.52
CA GLU C 81 0.69 1.89 7.51
C GLU C 81 1.48 2.15 8.79
N LEU C 82 1.57 3.41 9.19
CA LEU C 82 2.26 3.77 10.42
C LEU C 82 1.36 4.50 11.39
N GLU C 83 1.30 4.02 12.62
CA GLU C 83 0.56 4.71 13.68
C GLU C 83 1.48 5.04 14.84
N VAL C 84 1.70 6.32 15.09
CA VAL C 84 2.51 6.77 16.22
C VAL C 84 1.68 7.73 17.07
N SER C 85 1.51 7.40 18.34
CA SER C 85 0.77 8.27 19.23
C SER C 85 1.19 8.18 20.70
N GLY C 86 0.92 9.25 21.45
CA GLY C 86 1.18 9.26 22.88
C GLY C 86 2.63 9.38 23.26
N ASN C 87 3.46 9.88 22.34
CA ASN C 87 4.83 10.22 22.68
C ASN C 87 4.99 11.73 22.64
N LEU C 88 5.08 12.34 23.82
CA LEU C 88 5.07 13.80 23.92
C LEU C 88 6.46 14.39 23.72
N GLN C 89 7.47 13.53 23.76
CA GLN C 89 8.85 13.97 23.53
C GLN C 89 9.32 13.73 22.09
N LEU C 90 8.45 13.19 21.24
CA LEU C 90 8.84 12.92 19.87
C LEU C 90 8.48 14.09 18.97
N THR C 91 9.49 14.82 18.51
CA THR C 91 9.27 16.02 17.71
C THR C 91 9.42 15.88 16.19
N SER C 92 9.86 14.71 15.72
CA SER C 92 10.00 14.51 14.28
C SER C 92 9.91 13.06 13.85
N LEU C 93 9.33 12.84 12.67
CA LEU C 93 9.32 11.52 12.04
C LEU C 93 10.52 11.36 11.12
N PRO C 94 11.02 10.13 10.96
CA PRO C 94 12.10 9.88 10.00
C PRO C 94 11.55 9.80 8.57
N SER C 95 12.43 9.60 7.60
CA SER C 95 12.01 9.48 6.20
C SER C 95 10.95 8.38 6.06
N LEU C 96 9.86 8.72 5.39
CA LEU C 96 8.72 7.81 5.27
C LEU C 96 8.85 6.89 4.05
N PRO C 97 8.54 5.60 4.23
CA PRO C 97 8.56 4.62 3.13
C PRO C 97 7.70 5.10 1.95
N GLN C 98 8.26 4.98 0.74
CA GLN C 98 7.62 5.50 -0.46
C GLN C 98 6.26 4.87 -0.74
N GLY C 99 6.00 3.71 -0.14
CA GLY C 99 4.78 2.99 -0.39
C GLY C 99 3.74 3.14 0.71
N LEU C 100 4.02 4.01 1.68
CA LEU C 100 3.13 4.18 2.82
C LEU C 100 1.79 4.74 2.34
N GLN C 101 0.71 4.02 2.61
CA GLN C 101 -0.62 4.51 2.25
C GLN C 101 -1.35 5.19 3.40
N LYS C 102 -0.87 4.99 4.63
CA LYS C 102 -1.53 5.59 5.79
C LYS C 102 -0.57 6.05 6.86
N LEU C 103 -0.70 7.30 7.27
CA LEU C 103 0.11 7.82 8.35
C LEU C 103 -0.75 8.49 9.42
N TRP C 104 -0.83 7.88 10.58
CA TRP C 104 -1.48 8.52 11.71
C TRP C 104 -0.41 8.79 12.75
N ALA C 105 0.00 10.04 12.90
CA ALA C 105 0.91 10.40 13.96
C ALA C 105 0.30 11.57 14.72
N TYR C 106 -0.14 11.30 15.94
CA TYR C 106 -0.96 12.26 16.67
C TYR C 106 -0.73 12.13 18.16
N ASN C 107 -1.11 13.16 18.91
CA ASN C 107 -0.84 13.19 20.33
C ASN C 107 0.65 13.02 20.56
N ASN C 108 1.42 13.70 19.72
CA ASN C 108 2.87 13.78 19.85
C ASN C 108 3.28 15.24 19.88
N TRP C 109 4.59 15.50 19.91
CA TRP C 109 5.11 16.86 19.89
C TRP C 109 5.57 17.40 18.52
N LEU C 110 5.30 16.66 17.45
CA LEU C 110 5.93 16.92 16.16
C LEU C 110 5.90 18.39 15.75
N ALA C 111 7.08 18.93 15.46
CA ALA C 111 7.22 20.30 14.97
C ALA C 111 7.07 20.38 13.46
N SER C 112 7.26 19.25 12.78
CA SER C 112 7.22 19.25 11.32
C SER C 112 6.94 17.87 10.75
N LEU C 113 6.47 17.84 9.51
CA LEU C 113 6.26 16.60 8.77
C LEU C 113 7.30 16.43 7.68
N PRO C 114 7.97 15.28 7.63
CA PRO C 114 8.88 14.96 6.53
C PRO C 114 8.11 14.89 5.21
N THR C 115 8.80 14.97 4.08
CA THR C 115 8.13 14.91 2.79
C THR C 115 7.23 13.68 2.68
N LEU C 116 6.02 13.89 2.18
CA LEU C 116 5.00 12.84 2.12
C LEU C 116 4.99 12.11 0.78
N PRO C 117 4.96 10.76 0.83
CA PRO C 117 4.91 9.95 -0.39
C PRO C 117 3.61 10.20 -1.15
N PRO C 118 3.71 10.32 -2.49
CA PRO C 118 2.57 10.67 -3.35
C PRO C 118 1.43 9.67 -3.25
N GLY C 119 1.77 8.40 -3.03
CA GLY C 119 0.76 7.36 -2.97
C GLY C 119 -0.09 7.43 -1.72
N LEU C 120 0.32 8.27 -0.78
CA LEU C 120 -0.34 8.36 0.52
C LEU C 120 -1.78 8.83 0.40
N GLY C 121 -2.72 8.03 0.92
CA GLY C 121 -4.12 8.39 0.87
C GLY C 121 -4.75 8.88 2.17
N ASP C 122 -4.10 8.64 3.30
CA ASP C 122 -4.67 9.03 4.59
C ASP C 122 -3.62 9.65 5.51
N LEU C 123 -3.81 10.92 5.84
CA LEU C 123 -2.90 11.60 6.76
C LEU C 123 -3.65 12.13 7.97
N ALA C 124 -3.42 11.53 9.13
CA ALA C 124 -3.97 12.08 10.36
C ALA C 124 -2.83 12.50 11.28
N VAL C 125 -2.62 13.80 11.39
CA VAL C 125 -1.65 14.34 12.33
C VAL C 125 -2.32 15.42 13.15
N SER C 126 -2.55 15.14 14.42
CA SER C 126 -3.39 16.01 15.24
C SER C 126 -2.83 16.14 16.64
N ASN C 127 -3.10 17.27 17.27
CA ASN C 127 -2.65 17.51 18.64
C ASN C 127 -1.13 17.50 18.72
N ASN C 128 -0.50 17.85 17.60
CA ASN C 128 0.94 18.08 17.56
C ASN C 128 1.26 19.57 17.64
N GLN C 129 2.52 19.92 17.44
CA GLN C 129 2.97 21.31 17.44
C GLN C 129 3.09 21.94 16.04
N LEU C 130 2.66 21.22 15.00
CA LEU C 130 2.90 21.66 13.63
C LEU C 130 2.42 23.08 13.33
N THR C 131 3.34 23.92 12.87
CA THR C 131 3.01 25.28 12.44
C THR C 131 2.87 25.39 10.91
N SER C 132 3.17 24.33 10.20
CA SER C 132 3.05 24.32 8.75
C SER C 132 2.96 22.91 8.21
N LEU C 133 2.50 22.78 6.97
CA LEU C 133 2.40 21.48 6.33
C LEU C 133 3.21 21.40 5.05
N PRO C 134 3.79 20.23 4.77
CA PRO C 134 4.53 19.98 3.52
C PRO C 134 3.55 19.84 2.36
N GLU C 135 4.04 19.93 1.14
CA GLU C 135 3.18 19.76 -0.04
C GLU C 135 2.38 18.47 0.08
N MET C 136 1.10 18.54 -0.25
CA MET C 136 0.20 17.39 -0.10
C MET C 136 0.24 16.45 -1.31
N PRO C 137 0.20 15.14 -1.05
CA PRO C 137 0.19 14.13 -2.11
C PRO C 137 -1.13 14.13 -2.85
N PRO C 138 -1.08 13.99 -4.18
CA PRO C 138 -2.27 14.01 -5.06
C PRO C 138 -3.25 12.89 -4.75
N ALA C 139 -2.80 11.86 -4.05
CA ALA C 139 -3.63 10.69 -3.79
C ALA C 139 -4.37 10.76 -2.46
N LEU C 140 -4.27 11.89 -1.77
CA LEU C 140 -4.78 11.98 -0.41
C LEU C 140 -6.30 12.06 -0.37
N ARG C 141 -6.92 11.04 0.25
CA ARG C 141 -8.36 11.00 0.46
C ARG C 141 -8.83 11.73 1.72
N GLU C 142 -8.09 11.53 2.82
CA GLU C 142 -8.50 12.10 4.10
C GLU C 142 -7.35 12.81 4.82
N LEU C 143 -7.63 14.03 5.28
CA LEU C 143 -6.62 14.84 5.96
C LEU C 143 -7.12 15.41 7.29
N ARG C 144 -6.53 14.97 8.40
CA ARG C 144 -6.81 15.57 9.70
C ARG C 144 -5.56 16.26 10.26
N VAL C 145 -5.54 17.59 10.20
CA VAL C 145 -4.51 18.39 10.84
C VAL C 145 -4.94 19.05 12.16
N SER C 146 -6.16 18.75 12.60
CA SER C 146 -6.77 19.47 13.71
C SER C 146 -5.93 19.45 14.98
N GLY C 147 -6.05 20.50 15.78
CA GLY C 147 -5.38 20.58 17.06
C GLY C 147 -3.91 20.96 16.96
N ASN C 148 -3.61 21.83 15.99
CA ASN C 148 -2.24 22.29 15.77
C ASN C 148 -2.12 23.81 15.76
N ASN C 149 -0.92 24.28 15.43
CA ASN C 149 -0.62 25.71 15.36
C ASN C 149 -0.79 26.32 13.97
N LEU C 150 -1.31 25.55 13.02
CA LEU C 150 -1.39 26.00 11.64
C LEU C 150 -2.13 27.34 11.48
N THR C 151 -1.46 28.30 10.87
CA THR C 151 -2.08 29.55 10.45
C THR C 151 -2.78 29.40 9.09
N SER C 152 -2.26 28.49 8.27
CA SER C 152 -2.80 28.28 6.93
C SER C 152 -2.51 26.87 6.40
N LEU C 153 -3.20 26.48 5.34
CA LEU C 153 -3.02 25.15 4.76
C LEU C 153 -2.42 25.24 3.36
N PRO C 154 -1.70 24.20 2.94
CA PRO C 154 -1.16 24.17 1.58
C PRO C 154 -2.25 23.81 0.58
N ALA C 155 -1.91 23.79 -0.71
CA ALA C 155 -2.87 23.47 -1.76
C ALA C 155 -3.50 22.10 -1.49
N LEU C 156 -4.80 21.99 -1.78
CA LEU C 156 -5.54 20.77 -1.52
C LEU C 156 -5.70 19.92 -2.79
N PRO C 157 -5.36 18.63 -2.70
CA PRO C 157 -5.48 17.70 -3.84
C PRO C 157 -6.91 17.63 -4.34
N SER C 158 -7.08 17.28 -5.61
CA SER C 158 -8.40 17.26 -6.24
C SER C 158 -9.29 16.17 -5.65
N GLY C 159 -8.69 15.13 -5.10
CA GLY C 159 -9.42 13.95 -4.66
C GLY C 159 -9.66 13.82 -3.17
N LEU C 160 -9.58 14.93 -2.43
CA LEU C 160 -9.73 14.88 -0.98
C LEU C 160 -11.19 14.67 -0.56
N GLN C 161 -11.44 13.59 0.17
CA GLN C 161 -12.78 13.28 0.67
C GLN C 161 -13.15 14.01 1.96
N LYS C 162 -12.23 14.05 2.91
CA LYS C 162 -12.51 14.60 4.24
C LYS C 162 -11.39 15.50 4.75
N LEU C 163 -11.75 16.63 5.35
CA LEU C 163 -10.75 17.53 5.91
C LEU C 163 -11.13 18.07 7.29
N TRP C 164 -10.30 17.78 8.30
CA TRP C 164 -10.46 18.40 9.60
C TRP C 164 -9.29 19.32 9.93
N ALA C 165 -9.52 20.63 9.82
CA ALA C 165 -8.55 21.64 10.20
C ALA C 165 -8.84 22.29 11.56
N TYR C 166 -9.88 21.81 12.24
CA TYR C 166 -10.42 22.52 13.40
C TYR C 166 -9.44 22.66 14.56
N ASN C 167 -9.70 23.64 15.41
CA ASN C 167 -8.84 23.93 16.55
C ASN C 167 -7.42 24.35 16.15
N ASN C 168 -7.35 25.31 15.24
CA ASN C 168 -6.08 25.87 14.78
C ASN C 168 -6.10 27.40 14.78
N ARG C 169 -5.03 27.99 14.25
CA ARG C 169 -4.88 29.43 14.16
C ARG C 169 -5.32 30.01 12.81
N LEU C 170 -5.90 29.17 11.95
CA LEU C 170 -6.09 29.53 10.54
C LEU C 170 -6.78 30.87 10.30
N THR C 171 -6.10 31.76 9.59
CA THR C 171 -6.69 33.02 9.14
C THR C 171 -7.48 32.84 7.85
N SER C 172 -7.02 31.93 7.00
CA SER C 172 -7.60 31.74 5.67
C SER C 172 -7.62 30.28 5.25
N LEU C 173 -8.37 29.99 4.18
CA LEU C 173 -8.44 28.63 3.63
C LEU C 173 -8.03 28.60 2.17
N PRO C 174 -7.38 27.49 1.76
CA PRO C 174 -7.01 27.21 0.37
C PRO C 174 -8.22 26.81 -0.47
N GLU C 175 -8.06 26.84 -1.80
CA GLU C 175 -9.15 26.48 -2.70
C GLU C 175 -9.69 25.08 -2.41
N MET C 176 -10.99 24.90 -2.64
CA MET C 176 -11.66 23.63 -2.38
C MET C 176 -12.14 22.98 -3.67
N SER C 177 -12.28 21.66 -3.64
CA SER C 177 -12.84 20.91 -4.76
C SER C 177 -14.16 20.27 -4.38
N PRO C 178 -15.05 20.08 -5.36
CA PRO C 178 -16.40 19.54 -5.14
C PRO C 178 -16.40 18.17 -4.47
N GLY C 179 -15.28 17.47 -4.53
CA GLY C 179 -15.17 16.13 -3.99
C GLY C 179 -15.48 15.99 -2.51
N LEU C 180 -15.10 16.99 -1.73
CA LEU C 180 -15.21 16.91 -0.27
C LEU C 180 -16.61 16.60 0.22
N GLN C 181 -16.75 15.51 0.98
CA GLN C 181 -18.00 15.22 1.66
C GLN C 181 -18.02 15.73 3.10
N GLU C 182 -16.85 16.09 3.62
CA GLU C 182 -16.76 16.60 5.00
C GLU C 182 -15.67 17.65 5.19
N LEU C 183 -16.02 18.75 5.85
CA LEU C 183 -15.09 19.80 6.19
C LEU C 183 -15.35 20.37 7.58
N ASP C 184 -14.34 20.35 8.44
CA ASP C 184 -14.46 21.03 9.72
C ASP C 184 -13.28 21.98 9.95
N VAL C 185 -13.56 23.28 9.83
CA VAL C 185 -12.57 24.32 10.10
C VAL C 185 -12.76 24.97 11.48
N SER C 186 -13.69 24.42 12.25
CA SER C 186 -14.18 25.06 13.45
C SER C 186 -13.09 25.48 14.44
N HIS C 187 -13.35 26.55 15.18
CA HIS C 187 -12.41 27.10 16.15
C HIS C 187 -11.13 27.64 15.50
N ASN C 188 -11.30 28.48 14.48
CA ASN C 188 -10.18 29.18 13.87
C ASN C 188 -10.39 30.68 13.80
N GLN C 189 -9.44 31.38 13.16
CA GLN C 189 -9.46 32.83 13.06
C GLN C 189 -10.11 33.32 11.76
N LEU C 190 -10.66 32.39 10.99
CA LEU C 190 -11.24 32.70 9.68
C LEU C 190 -12.26 33.83 9.73
N THR C 191 -12.17 34.73 8.75
CA THR C 191 -13.14 35.81 8.60
C THR C 191 -13.89 35.68 7.27
N ARG C 192 -13.16 35.82 6.17
CA ARG C 192 -13.74 35.64 4.84
C ARG C 192 -13.32 34.30 4.25
N LEU C 193 -14.30 33.53 3.77
CA LEU C 193 -14.04 32.23 3.17
C LEU C 193 -13.80 32.33 1.66
N PRO C 194 -13.12 31.34 1.08
CA PRO C 194 -12.85 31.28 -0.36
C PRO C 194 -14.11 31.01 -1.17
N GLN C 195 -14.21 31.62 -2.34
CA GLN C 195 -15.39 31.45 -3.20
C GLN C 195 -15.56 30.00 -3.64
N SER C 196 -14.46 29.25 -3.61
CA SER C 196 -14.47 27.86 -4.03
C SER C 196 -15.57 27.06 -3.34
N LEU C 197 -15.86 27.42 -2.10
CA LEU C 197 -16.84 26.72 -1.29
C LEU C 197 -18.22 26.67 -1.94
N THR C 198 -18.48 27.60 -2.85
CA THR C 198 -19.78 27.68 -3.51
C THR C 198 -19.97 26.55 -4.52
N GLY C 199 -18.90 25.83 -4.81
CA GLY C 199 -18.93 24.79 -5.83
C GLY C 199 -18.98 23.37 -5.29
N LEU C 200 -19.04 23.24 -3.97
CA LEU C 200 -19.09 21.92 -3.33
C LEU C 200 -20.45 21.25 -3.49
N SER C 201 -20.47 19.93 -3.34
CA SER C 201 -21.70 19.15 -3.45
C SER C 201 -22.72 19.54 -2.39
N SER C 202 -24.00 19.38 -2.71
CA SER C 202 -25.07 19.69 -1.79
C SER C 202 -25.12 18.68 -0.65
N ALA C 203 -24.47 17.54 -0.84
CA ALA C 203 -24.43 16.50 0.17
C ALA C 203 -23.28 16.73 1.15
N ALA C 204 -22.42 17.70 0.82
CA ALA C 204 -21.26 18.00 1.64
C ALA C 204 -21.64 18.51 3.02
N ARG C 205 -20.99 17.97 4.05
CA ARG C 205 -21.19 18.43 5.42
C ARG C 205 -20.06 19.39 5.80
N VAL C 206 -20.41 20.57 6.29
CA VAL C 206 -19.42 21.57 6.66
C VAL C 206 -19.75 22.21 8.01
N TYR C 207 -18.80 22.19 8.93
CA TYR C 207 -19.00 22.79 10.25
C TYR C 207 -18.07 23.98 10.44
N LEU C 208 -18.64 25.19 10.41
CA LEU C 208 -17.87 26.42 10.54
C LEU C 208 -17.89 27.05 11.93
N ASP C 209 -18.65 26.46 12.85
CA ASP C 209 -18.86 27.08 14.16
C ASP C 209 -17.56 27.35 14.90
N GLY C 210 -17.54 28.44 15.67
CA GLY C 210 -16.36 28.81 16.43
C GLY C 210 -15.43 29.75 15.68
N ASN C 211 -15.97 30.43 14.68
CA ASN C 211 -15.18 31.37 13.88
C ASN C 211 -15.78 32.77 13.86
N PRO C 212 -14.91 33.79 13.88
CA PRO C 212 -15.32 35.21 13.84
C PRO C 212 -16.07 35.53 12.55
N LEU C 213 -15.53 35.07 11.44
CA LEU C 213 -16.11 35.34 10.13
C LEU C 213 -16.35 36.85 9.95
N SER C 214 -17.46 37.20 9.31
CA SER C 214 -17.82 38.59 9.11
C SER C 214 -19.32 38.72 8.81
N VAL C 215 -19.84 39.93 8.95
CA VAL C 215 -21.23 40.19 8.59
C VAL C 215 -21.48 39.82 7.12
N ARG C 216 -20.59 40.29 6.25
CA ARG C 216 -20.65 39.97 4.84
C ARG C 216 -20.60 38.45 4.63
N THR C 217 -19.73 37.80 5.37
CA THR C 217 -19.56 36.35 5.28
C THR C 217 -20.81 35.61 5.75
N LEU C 218 -21.31 35.99 6.93
CA LEU C 218 -22.54 35.37 7.44
C LEU C 218 -23.69 35.58 6.45
N GLN C 219 -23.63 36.69 5.72
CA GLN C 219 -24.67 37.04 4.78
C GLN C 219 -24.61 36.11 3.56
N ALA C 220 -23.50 36.19 2.82
CA ALA C 220 -23.32 35.30 1.67
C ALA C 220 -23.57 33.84 2.05
N LEU C 221 -23.09 33.45 3.22
CA LEU C 221 -23.28 32.09 3.73
C LEU C 221 -24.76 31.77 3.89
N ARG C 222 -25.52 32.71 4.44
CA ARG C 222 -26.96 32.52 4.56
C ARG C 222 -27.61 32.46 3.17
N ASP C 223 -26.94 33.07 2.19
CA ASP C 223 -27.45 33.10 0.82
C ASP C 223 -27.25 31.74 0.13
N ILE C 224 -26.12 31.10 0.41
CA ILE C 224 -25.81 29.81 -0.22
C ILE C 224 -26.81 28.73 0.17
N ILE C 225 -27.56 28.96 1.26
CA ILE C 225 -28.56 27.99 1.70
C ILE C 225 -29.96 28.42 1.27
N ARG C 231 -26.13 22.35 3.89
CA ARG C 231 -26.15 22.27 5.34
C ARG C 231 -24.83 22.72 5.95
N ILE C 232 -24.89 23.73 6.81
CA ILE C 232 -23.70 24.31 7.42
C ILE C 232 -23.96 24.73 8.86
N HIS C 233 -22.95 24.61 9.71
CA HIS C 233 -23.05 25.04 11.10
C HIS C 233 -22.55 26.48 11.23
N PHE C 234 -23.31 27.32 11.93
CA PHE C 234 -22.98 28.73 12.05
C PHE C 234 -22.61 29.14 13.47
N ASP C 235 -21.83 30.21 13.58
CA ASP C 235 -21.43 30.74 14.87
C ASP C 235 -20.82 32.13 14.70
N LEU D 8 -31.41 20.14 18.62
CA LEU D 8 -32.26 20.18 19.81
C LEU D 8 -31.59 19.50 20.99
N SER D 9 -31.95 19.94 22.20
CA SER D 9 -31.45 19.33 23.43
C SER D 9 -29.91 19.31 23.54
N ARG D 10 -29.35 18.10 23.58
CA ARG D 10 -27.94 17.89 23.87
C ARG D 10 -26.98 18.74 23.00
N VAL D 11 -27.41 19.07 21.79
CA VAL D 11 -26.59 19.87 20.90
C VAL D 11 -26.15 21.18 21.55
N ALA D 12 -27.05 21.75 22.36
CA ALA D 12 -26.78 23.01 23.03
C ALA D 12 -25.87 22.80 24.24
N GLY D 13 -25.93 21.61 24.83
CA GLY D 13 -25.11 21.29 25.98
C GLY D 13 -23.66 21.03 25.61
N LEU D 14 -23.46 20.25 24.55
CA LEU D 14 -22.13 19.90 24.08
C LEU D 14 -21.29 21.15 23.89
N GLU D 15 -21.87 22.15 23.23
CA GLU D 15 -21.20 23.42 23.01
C GLU D 15 -20.63 23.99 24.31
N LYS D 16 -21.41 23.90 25.39
CA LYS D 16 -20.94 24.38 26.68
C LYS D 16 -19.63 23.67 27.07
N GLN D 17 -19.59 22.35 26.91
CA GLN D 17 -18.39 21.56 27.18
C GLN D 17 -17.27 22.03 26.26
N LEU D 18 -17.61 22.36 25.02
CA LEU D 18 -16.65 22.85 24.04
C LEU D 18 -15.93 24.10 24.56
N ALA D 19 -16.65 25.21 24.70
CA ALA D 19 -16.05 26.47 25.11
C ALA D 19 -15.19 26.32 26.36
N ILE D 20 -15.67 25.55 27.32
CA ILE D 20 -14.93 25.30 28.55
C ILE D 20 -13.51 24.83 28.22
N GLU D 21 -13.41 23.80 27.41
CA GLU D 21 -12.11 23.25 27.03
C GLU D 21 -11.28 24.29 26.29
N LEU D 22 -11.94 25.11 25.48
CA LEU D 22 -11.26 26.16 24.74
C LEU D 22 -10.63 27.15 25.70
N LYS D 23 -11.26 27.33 26.86
CA LYS D 23 -10.71 28.22 27.87
C LYS D 23 -9.54 27.54 28.58
N VAL D 24 -9.60 26.22 28.69
CA VAL D 24 -8.52 25.46 29.30
C VAL D 24 -7.29 25.49 28.40
N LYS D 25 -7.48 25.12 27.13
CA LYS D 25 -6.41 25.16 26.14
C LYS D 25 -5.73 26.52 26.13
N GLN D 26 -6.53 27.56 25.93
CA GLN D 26 -6.02 28.93 25.91
C GLN D 26 -5.23 29.23 27.17
N GLY D 27 -5.66 28.65 28.29
CA GLY D 27 -4.95 28.81 29.54
C GLY D 27 -3.60 28.12 29.49
N ALA D 28 -3.61 26.84 29.09
CA ALA D 28 -2.40 26.06 29.02
C ALA D 28 -1.36 26.73 28.12
N GLU D 29 -1.80 27.15 26.94
CA GLU D 29 -0.93 27.82 25.99
C GLU D 29 -0.21 29.00 26.63
N ASN D 30 -0.86 29.64 27.59
CA ASN D 30 -0.25 30.77 28.27
C ASN D 30 0.76 30.33 29.34
N MET D 31 0.41 29.29 30.08
CA MET D 31 1.33 28.75 31.08
C MET D 31 2.66 28.43 30.41
N ILE D 32 2.58 27.65 29.33
CA ILE D 32 3.76 27.29 28.56
C ILE D 32 4.54 28.54 28.13
N GLN D 33 3.82 29.58 27.78
CA GLN D 33 4.44 30.83 27.34
C GLN D 33 4.98 31.62 28.53
N THR D 34 4.33 31.45 29.68
CA THR D 34 4.67 32.23 30.86
C THR D 34 6.05 31.87 31.42
N TYR D 35 6.53 30.67 31.14
CA TYR D 35 7.84 30.27 31.65
C TYR D 35 8.88 30.19 30.54
N SER D 36 9.76 31.19 30.50
CA SER D 36 10.99 31.12 29.73
C SER D 36 12.15 30.80 30.67
N ASN D 37 11.83 30.72 31.96
CA ASN D 37 12.84 30.59 33.01
C ASN D 37 13.55 29.24 32.98
N GLY D 38 12.80 28.19 32.64
CA GLY D 38 13.36 26.85 32.55
C GLY D 38 13.95 26.37 33.85
N SER D 39 13.53 26.96 34.96
CA SER D 39 13.96 26.53 36.28
C SER D 39 13.20 25.27 36.69
N THR D 40 13.50 24.75 37.88
CA THR D 40 12.87 23.53 38.37
C THR D 40 11.34 23.63 38.31
N LYS D 41 10.79 24.50 39.15
CA LYS D 41 9.35 24.68 39.24
C LYS D 41 8.76 25.11 37.90
N ASP D 42 9.49 25.95 37.18
CA ASP D 42 9.08 26.40 35.86
C ASP D 42 8.89 25.23 34.89
N ARG D 43 9.86 24.33 34.86
CA ARG D 43 9.79 23.17 33.99
C ARG D 43 8.67 22.22 34.43
N LYS D 44 8.55 22.02 35.73
CA LYS D 44 7.49 21.18 36.27
C LYS D 44 6.12 21.67 35.80
N LEU D 45 5.85 22.94 36.06
CA LEU D 45 4.59 23.54 35.64
C LEU D 45 4.44 23.54 34.13
N LEU D 46 5.55 23.63 33.41
CA LEU D 46 5.51 23.59 31.96
C LEU D 46 4.97 22.25 31.48
N LEU D 47 5.58 21.17 31.97
CA LEU D 47 5.12 19.82 31.67
C LEU D 47 3.64 19.68 32.02
N THR D 48 3.27 20.22 33.19
CA THR D 48 1.87 20.20 33.60
C THR D 48 0.99 20.81 32.52
N ALA D 49 1.33 22.03 32.10
CA ALA D 49 0.57 22.76 31.09
C ALA D 49 0.50 22.02 29.76
N GLN D 50 1.57 21.32 29.41
CA GLN D 50 1.60 20.50 28.20
C GLN D 50 0.57 19.37 28.32
N GLN D 51 0.64 18.64 29.42
CA GLN D 51 -0.32 17.58 29.70
C GLN D 51 -1.74 18.13 29.52
N MET D 52 -2.00 19.26 30.15
CA MET D 52 -3.31 19.90 30.08
C MET D 52 -3.71 20.20 28.64
N LEU D 53 -2.80 20.80 27.89
CA LEU D 53 -3.05 21.17 26.51
C LEU D 53 -3.50 19.95 25.70
N GLN D 54 -2.76 18.86 25.84
CA GLN D 54 -3.10 17.63 25.14
C GLN D 54 -4.47 17.08 25.57
N ASP D 55 -4.70 17.04 26.87
CA ASP D 55 -5.99 16.58 27.40
C ASP D 55 -7.14 17.35 26.76
N SER D 56 -7.00 18.67 26.72
CA SER D 56 -8.04 19.53 26.17
C SER D 56 -8.24 19.28 24.68
N LYS D 57 -7.13 19.17 23.95
CA LYS D 57 -7.23 18.87 22.52
C LYS D 57 -8.03 17.58 22.27
N THR D 58 -7.67 16.52 22.99
CA THR D 58 -8.37 15.24 22.87
C THR D 58 -9.85 15.39 23.21
N LYS D 59 -10.13 16.04 24.34
CA LYS D 59 -11.50 16.26 24.77
C LYS D 59 -12.32 16.99 23.71
N ILE D 60 -11.71 17.98 23.06
CA ILE D 60 -12.36 18.69 21.97
C ILE D 60 -12.60 17.76 20.78
N ASP D 61 -11.67 16.85 20.54
CA ASP D 61 -11.86 15.83 19.52
C ASP D 61 -13.14 15.05 19.81
N ILE D 62 -13.22 14.48 21.00
CA ILE D 62 -14.36 13.67 21.39
C ILE D 62 -15.68 14.44 21.33
N ILE D 63 -15.72 15.56 22.03
CA ILE D 63 -16.91 16.40 22.09
C ILE D 63 -17.37 16.79 20.69
N ARG D 64 -16.40 17.14 19.84
CA ARG D 64 -16.70 17.51 18.45
C ARG D 64 -17.31 16.33 17.70
N MET D 65 -16.78 15.14 17.96
CA MET D 65 -17.32 13.92 17.37
C MET D 65 -18.79 13.75 17.75
N GLN D 66 -19.07 13.86 19.05
CA GLN D 66 -20.42 13.73 19.58
C GLN D 66 -21.35 14.79 19.01
N LEU D 67 -20.83 16.00 18.82
CA LEU D 67 -21.60 17.09 18.24
C LEU D 67 -21.99 16.75 16.82
N ARG D 68 -21.02 16.36 16.01
CA ARG D 68 -21.28 15.94 14.64
C ARG D 68 -22.32 14.82 14.60
N ARG D 69 -22.25 13.90 15.57
CA ARG D 69 -23.23 12.84 15.66
C ARG D 69 -24.64 13.38 15.91
N ALA D 70 -24.77 14.24 16.91
CA ALA D 70 -26.07 14.74 17.34
C ALA D 70 -26.69 15.75 16.37
N LEU D 71 -25.93 16.16 15.37
CA LEU D 71 -26.40 17.17 14.41
C LEU D 71 -27.10 16.57 13.20
N GLN D 72 -27.26 15.25 13.20
CA GLN D 72 -27.95 14.57 12.10
C GLN D 72 -29.47 14.67 12.23
O1 HEZ E . -4.06 -14.39 -10.69
C1 HEZ E . -3.19 -13.83 -11.66
C2 HEZ E . -2.31 -14.93 -12.25
C3 HEZ E . -3.19 -15.99 -12.91
C4 HEZ E . -2.30 -17.09 -13.47
C5 HEZ E . -1.51 -17.70 -12.32
C6 HEZ E . -0.60 -18.81 -12.84
O6 HEZ E . 0.14 -19.36 -11.73
O1 HEZ F . -7.95 13.92 15.66
C1 HEZ F . -8.15 12.98 16.73
C2 HEZ F . -7.98 11.56 16.18
C3 HEZ F . -6.57 11.38 15.61
C4 HEZ F . -6.45 9.96 15.06
C5 HEZ F . -7.51 9.78 13.96
C6 HEZ F . -7.43 8.36 13.38
O6 HEZ F . -8.43 8.23 12.37
#